data_8BV8
#
_entry.id   8BV8
#
_cell.length_a   57.180
_cell.length_b   66.480
_cell.length_c   138.390
_cell.angle_alpha   90.000
_cell.angle_beta   90.000
_cell.angle_gamma   90.000
#
_symmetry.space_group_name_H-M   'P 21 21 21'
#
loop_
_entity.id
_entity.type
_entity.pdbx_description
1 polymer 'Methylcarbamoylase mom'
2 water water
#
_entity_poly.entity_id   1
_entity_poly.type   'polypeptide(L)'
_entity_poly.pdbx_seq_one_letter_code
;SVGKEKKSRILTKPCVIEYEGQIVGYGSKELRVETISCWLARTIIQTKHYSRRFVNNSYLHLGVFSGRDLVGVLQWGYAL
NPNSGRRVVLETDNRGYMELNRMWLHDDMPRNSEARAISYALKVIRLLYPSVEWVQSFADERCGRAGVVYQASNFDFIGS
HESTFYELDGEWYHEITMNAIKRGGQRGVYLRANKERAVVHKFNQYRYIRFLNKRARKRLNTKLFKVQPYPK
;
_entity_poly.pdbx_strand_id   A,B
#
# COMPACT_ATOMS: atom_id res chain seq x y z
N LEU A 11 4.90 -2.79 26.54
CA LEU A 11 3.47 -2.64 26.27
C LEU A 11 2.89 -1.50 27.10
N THR A 12 2.03 -0.69 26.49
CA THR A 12 1.39 0.42 27.17
C THR A 12 -0.12 0.34 26.96
N LYS A 13 -0.84 1.17 27.70
CA LYS A 13 -2.30 1.12 27.71
C LYS A 13 -2.89 1.67 26.42
N PRO A 14 -3.68 0.89 25.69
CA PRO A 14 -4.33 1.41 24.49
C PRO A 14 -5.45 2.39 24.83
N CYS A 15 -5.88 3.13 23.82
CA CYS A 15 -6.93 4.12 23.98
C CYS A 15 -7.50 4.45 22.60
N VAL A 16 -8.54 5.28 22.58
CA VAL A 16 -9.11 5.74 21.33
C VAL A 16 -8.17 6.76 20.70
N ILE A 17 -7.93 6.61 19.40
CA ILE A 17 -7.06 7.52 18.66
C ILE A 17 -7.95 8.45 17.83
N GLU A 18 -7.71 9.75 17.94
CA GLU A 18 -8.46 10.75 17.22
C GLU A 18 -7.53 11.57 16.34
N TYR A 19 -8.10 12.13 15.26
CA TYR A 19 -7.38 13.07 14.41
C TYR A 19 -8.34 14.21 14.08
N GLU A 20 -8.04 15.40 14.62
CA GLU A 20 -8.82 16.61 14.37
C GLU A 20 -10.30 16.40 14.69
N GLY A 21 -10.55 15.82 15.86
CA GLY A 21 -11.90 15.62 16.36
C GLY A 21 -12.59 14.37 15.88
N GLN A 22 -12.02 13.65 14.91
CA GLN A 22 -12.62 12.46 14.36
C GLN A 22 -11.98 11.22 14.97
N ILE A 23 -12.82 10.25 15.35
CA ILE A 23 -12.34 8.97 15.85
C ILE A 23 -11.84 8.15 14.67
N VAL A 24 -10.56 7.75 14.72
CA VAL A 24 -9.92 7.08 13.59
C VAL A 24 -9.36 5.71 13.94
N GLY A 25 -9.27 5.35 15.21
CA GLY A 25 -8.72 4.05 15.55
C GLY A 25 -8.62 3.82 17.04
N TYR A 26 -7.79 2.84 17.40
CA TYR A 26 -7.65 2.40 18.78
C TYR A 26 -6.38 1.59 18.92
N GLY A 27 -5.65 1.81 20.00
CA GLY A 27 -4.49 1.00 20.30
C GLY A 27 -3.43 1.81 21.01
N SER A 28 -2.21 1.26 20.98
CA SER A 28 -1.05 1.82 21.66
C SER A 28 -0.07 2.37 20.64
N LYS A 29 1.02 2.97 21.13
CA LYS A 29 2.04 3.48 20.23
C LYS A 29 2.79 2.34 19.54
N GLU A 30 3.12 1.29 20.29
CA GLU A 30 3.81 0.15 19.70
C GLU A 30 2.89 -0.74 18.87
N LEU A 31 1.57 -0.63 19.04
CA LEU A 31 0.65 -1.30 18.16
C LEU A 31 -0.73 -0.69 18.28
N ARG A 32 -1.31 -0.31 17.14
CA ARG A 32 -2.64 0.27 17.08
C ARG A 32 -3.22 0.01 15.71
N VAL A 33 -4.52 0.20 15.59
CA VAL A 33 -5.21 0.13 14.30
C VAL A 33 -5.82 1.51 14.02
N GLU A 34 -5.74 1.93 12.76
CA GLU A 34 -6.32 3.18 12.32
C GLU A 34 -6.90 2.99 10.93
N THR A 35 -7.96 3.74 10.63
CA THR A 35 -8.54 3.70 9.30
C THR A 35 -7.54 4.20 8.27
N ILE A 36 -7.50 3.53 7.12
CA ILE A 36 -6.71 3.96 5.98
C ILE A 36 -7.60 3.97 4.75
N SER A 37 -7.09 4.55 3.67
CA SER A 37 -7.86 4.63 2.44
C SER A 37 -8.09 3.25 1.85
N CYS A 38 -9.16 3.12 1.07
CA CYS A 38 -9.49 1.83 0.47
C CYS A 38 -8.42 1.41 -0.54
N TRP A 39 -7.94 2.35 -1.34
CA TRP A 39 -6.95 2.01 -2.37
C TRP A 39 -5.67 1.48 -1.75
N LEU A 40 -5.24 2.06 -0.62
CA LEU A 40 -3.99 1.63 0.01
C LEU A 40 -4.12 0.24 0.61
N ALA A 41 -5.24 -0.04 1.27
CA ALA A 41 -5.45 -1.37 1.85
C ALA A 41 -5.49 -2.43 0.76
N ARG A 42 -6.21 -2.16 -0.34
CA ARG A 42 -6.26 -3.11 -1.43
C ARG A 42 -4.88 -3.35 -2.04
N THR A 43 -4.08 -2.29 -2.15
CA THR A 43 -2.77 -2.42 -2.78
C THR A 43 -1.86 -3.34 -1.96
N ILE A 44 -1.82 -3.13 -0.64
CA ILE A 44 -0.97 -3.96 0.22
C ILE A 44 -1.45 -5.41 0.22
N ILE A 45 -2.78 -5.60 0.30
CA ILE A 45 -3.33 -6.94 0.43
C ILE A 45 -3.06 -7.77 -0.83
N GLN A 46 -3.39 -7.22 -2.00
CA GLN A 46 -3.21 -7.97 -3.24
C GLN A 46 -1.75 -8.28 -3.52
N THR A 47 -0.82 -7.57 -2.88
CA THR A 47 0.60 -7.82 -3.06
C THR A 47 1.14 -8.80 -2.02
N LYS A 48 0.67 -8.72 -0.78
CA LYS A 48 1.25 -9.46 0.33
C LYS A 48 0.42 -10.64 0.80
N HIS A 49 -0.91 -10.56 0.74
CA HIS A 49 -1.74 -11.65 1.22
C HIS A 49 -1.55 -12.89 0.37
N TYR A 50 -1.69 -14.07 0.99
CA TYR A 50 -1.42 -15.32 0.29
C TYR A 50 -2.37 -15.53 -0.87
N SER A 51 -3.57 -14.94 -0.81
CA SER A 51 -4.50 -15.02 -1.92
C SER A 51 -4.08 -14.16 -3.10
N ARG A 52 -3.20 -13.18 -2.86
CA ARG A 52 -2.79 -12.20 -3.87
C ARG A 52 -3.99 -11.43 -4.42
N ARG A 53 -4.98 -11.17 -3.57
CA ARG A 53 -6.21 -10.55 -4.02
C ARG A 53 -6.93 -9.87 -2.86
N PHE A 54 -7.68 -8.83 -3.20
CA PHE A 54 -8.67 -8.26 -2.30
C PHE A 54 -10.06 -8.68 -2.77
N VAL A 55 -11.05 -8.43 -1.92
CA VAL A 55 -12.45 -8.69 -2.26
C VAL A 55 -13.21 -7.37 -2.16
N ASN A 56 -14.22 -7.22 -3.03
CA ASN A 56 -14.93 -5.96 -3.14
C ASN A 56 -15.84 -5.67 -1.96
N ASN A 57 -16.21 -6.70 -1.19
CA ASN A 57 -17.19 -6.52 -0.11
C ASN A 57 -16.58 -5.95 1.17
N SER A 58 -15.31 -5.57 1.16
CA SER A 58 -14.70 -4.93 2.32
C SER A 58 -15.03 -3.45 2.32
N TYR A 59 -15.48 -2.94 3.47
CA TYR A 59 -15.74 -1.51 3.60
C TYR A 59 -15.13 -0.88 4.85
N LEU A 60 -14.51 -1.67 5.73
CA LEU A 60 -13.71 -1.13 6.82
C LEU A 60 -12.25 -1.48 6.56
N HIS A 61 -11.44 -0.47 6.28
CA HIS A 61 -10.05 -0.64 5.89
C HIS A 61 -9.16 -0.10 7.00
N LEU A 62 -8.42 -0.98 7.66
CA LEU A 62 -7.60 -0.62 8.81
C LEU A 62 -6.14 -0.92 8.52
N GLY A 63 -5.28 0.03 8.86
CA GLY A 63 -3.85 -0.20 8.87
C GLY A 63 -3.39 -0.54 10.27
N VAL A 64 -2.39 -1.41 10.36
CA VAL A 64 -1.75 -1.74 11.63
C VAL A 64 -0.46 -0.94 11.72
N PHE A 65 -0.32 -0.16 12.79
CA PHE A 65 0.81 0.74 12.95
C PHE A 65 1.62 0.36 14.18
N SER A 66 2.93 0.47 14.07
CA SER A 66 3.85 0.25 15.18
C SER A 66 4.83 1.41 15.20
N GLY A 67 4.70 2.29 16.18
CA GLY A 67 5.44 3.54 16.16
C GLY A 67 4.89 4.46 15.09
N ARG A 68 5.72 4.80 14.11
CA ARG A 68 5.28 5.59 12.96
C ARG A 68 5.17 4.76 11.70
N ASP A 69 5.32 3.44 11.81
CA ASP A 69 5.41 2.55 10.66
C ASP A 69 4.10 1.80 10.44
N LEU A 70 3.64 1.77 9.20
CA LEU A 70 2.53 0.91 8.80
C LEU A 70 3.06 -0.50 8.60
N VAL A 71 2.49 -1.47 9.31
CA VAL A 71 3.07 -2.82 9.33
C VAL A 71 2.02 -3.89 9.04
N GLY A 72 0.81 -3.49 8.69
CA GLY A 72 -0.22 -4.48 8.44
C GLY A 72 -1.51 -3.85 7.98
N VAL A 73 -2.43 -4.70 7.54
CA VAL A 73 -3.74 -4.30 7.04
C VAL A 73 -4.79 -5.30 7.51
N LEU A 74 -5.92 -4.78 7.98
CA LEU A 74 -7.12 -5.58 8.23
C LEU A 74 -8.26 -5.00 7.41
N GLN A 75 -9.02 -5.89 6.75
CA GLN A 75 -10.17 -5.48 5.94
C GLN A 75 -11.39 -6.24 6.43
N TRP A 76 -12.42 -5.50 6.84
CA TRP A 76 -13.69 -6.07 7.28
C TRP A 76 -14.80 -5.61 6.33
N GLY A 77 -15.88 -6.38 6.31
CA GLY A 77 -17.01 -6.00 5.48
C GLY A 77 -18.05 -7.10 5.40
N TYR A 78 -18.78 -7.10 4.28
CA TYR A 78 -19.79 -8.12 4.06
C TYR A 78 -19.15 -9.48 3.86
N ALA A 79 -19.95 -10.52 4.08
CA ALA A 79 -19.56 -11.84 3.62
C ALA A 79 -19.52 -11.86 2.10
N LEU A 80 -18.89 -12.91 1.54
CA LEU A 80 -18.82 -13.03 0.09
C LEU A 80 -20.20 -12.98 -0.54
N ASN A 81 -21.17 -13.63 0.09
CA ASN A 81 -22.58 -13.34 -0.16
C ASN A 81 -23.08 -12.48 0.99
N PRO A 82 -23.37 -11.20 0.78
CA PRO A 82 -23.75 -10.34 1.91
C PRO A 82 -24.97 -10.79 2.67
N ASN A 83 -25.87 -11.55 2.02
CA ASN A 83 -27.11 -11.97 2.66
C ASN A 83 -26.95 -13.16 3.59
N SER A 84 -25.77 -13.79 3.63
CA SER A 84 -25.59 -15.01 4.40
C SER A 84 -25.50 -14.77 5.91
N GLY A 85 -25.50 -13.51 6.36
CA GLY A 85 -25.40 -13.25 7.78
C GLY A 85 -26.56 -13.83 8.57
N ARG A 86 -27.77 -13.70 8.03
CA ARG A 86 -28.96 -14.25 8.70
C ARG A 86 -28.99 -15.77 8.70
N ARG A 87 -28.13 -16.43 7.93
CA ARG A 87 -28.02 -17.87 8.00
C ARG A 87 -27.16 -18.34 9.16
N VAL A 88 -26.25 -17.49 9.64
CA VAL A 88 -25.41 -17.83 10.79
C VAL A 88 -26.07 -17.43 12.10
N VAL A 89 -26.55 -16.19 12.18
CA VAL A 89 -27.25 -15.68 13.35
C VAL A 89 -28.60 -15.16 12.88
N LEU A 90 -29.67 -15.71 13.46
CA LEU A 90 -31.02 -15.39 13.01
C LEU A 90 -31.33 -13.92 13.20
N GLU A 91 -32.09 -13.36 12.25
CA GLU A 91 -32.56 -11.98 12.28
C GLU A 91 -31.43 -10.97 12.18
N THR A 92 -30.38 -11.28 11.40
CA THR A 92 -29.27 -10.38 11.18
C THR A 92 -29.40 -9.75 9.80
N ASP A 93 -29.56 -8.43 9.76
CA ASP A 93 -29.57 -7.76 8.46
C ASP A 93 -28.13 -7.58 7.96
N ASN A 94 -28.01 -7.24 6.68
CA ASN A 94 -26.72 -7.25 6.01
C ASN A 94 -25.69 -6.33 6.67
N ARG A 95 -26.13 -5.32 7.40
CA ARG A 95 -25.23 -4.41 8.11
C ARG A 95 -25.10 -4.74 9.59
N GLY A 96 -25.80 -5.76 10.07
CA GLY A 96 -25.76 -6.15 11.46
C GLY A 96 -24.62 -7.09 11.84
N TYR A 97 -23.70 -7.34 10.92
CA TYR A 97 -22.57 -8.22 11.17
C TYR A 97 -21.39 -7.75 10.33
N MET A 98 -20.25 -8.40 10.54
CA MET A 98 -19.07 -8.17 9.70
C MET A 98 -18.31 -9.49 9.55
N GLU A 99 -17.60 -9.61 8.44
CA GLU A 99 -16.68 -10.71 8.21
C GLU A 99 -15.28 -10.15 8.03
N LEU A 100 -14.30 -10.81 8.62
CA LEU A 100 -12.90 -10.46 8.41
C LEU A 100 -12.48 -10.98 7.05
N ASN A 101 -12.41 -10.08 6.06
CA ASN A 101 -12.11 -10.50 4.70
C ASN A 101 -10.63 -10.83 4.53
N ARG A 102 -9.75 -9.96 5.04
CA ARG A 102 -8.32 -10.09 4.77
C ARG A 102 -7.55 -9.60 5.98
N MET A 103 -6.44 -10.28 6.28
CA MET A 103 -5.51 -9.84 7.30
C MET A 103 -4.10 -10.17 6.86
N TRP A 104 -3.20 -9.18 6.97
CA TRP A 104 -1.79 -9.41 6.71
C TRP A 104 -0.99 -8.50 7.64
N LEU A 105 0.03 -9.08 8.27
CA LEU A 105 0.98 -8.32 9.07
C LEU A 105 2.38 -8.64 8.59
N HIS A 106 3.25 -7.64 8.65
CA HIS A 106 4.64 -7.84 8.23
C HIS A 106 5.27 -8.95 9.05
N ASP A 107 6.08 -9.79 8.38
CA ASP A 107 6.59 -11.00 9.02
C ASP A 107 7.52 -10.70 10.19
N ASP A 108 8.14 -9.52 10.23
CA ASP A 108 9.04 -9.17 11.31
C ASP A 108 8.32 -8.67 12.56
N MET A 109 6.99 -8.64 12.55
CA MET A 109 6.25 -8.22 13.73
C MET A 109 6.22 -9.34 14.76
N PRO A 110 6.15 -8.99 16.05
CA PRO A 110 6.01 -10.02 17.09
C PRO A 110 4.80 -10.91 16.82
N ARG A 111 4.96 -12.19 17.14
CA ARG A 111 3.93 -13.19 16.82
C ARG A 111 2.67 -13.07 17.68
N ASN A 112 2.54 -12.07 18.56
CA ASN A 112 1.29 -11.76 19.22
C ASN A 112 0.64 -10.51 18.68
N SER A 113 1.23 -9.89 17.65
CA SER A 113 0.71 -8.64 17.11
C SER A 113 -0.67 -8.82 16.47
N GLU A 114 -0.91 -9.98 15.85
CA GLU A 114 -2.19 -10.19 15.17
C GLU A 114 -3.36 -10.17 16.14
N ALA A 115 -3.20 -10.82 17.29
CA ALA A 115 -4.31 -10.89 18.25
C ALA A 115 -4.60 -9.53 18.85
N ARG A 116 -3.56 -8.73 19.12
CA ARG A 116 -3.77 -7.37 19.63
C ARG A 116 -4.52 -6.51 18.61
N ALA A 117 -4.08 -6.56 17.35
CA ALA A 117 -4.70 -5.73 16.32
C ALA A 117 -6.17 -6.10 16.13
N ILE A 118 -6.48 -7.40 16.17
CA ILE A 118 -7.86 -7.84 16.01
C ILE A 118 -8.73 -7.32 17.15
N SER A 119 -8.22 -7.41 18.39
CA SER A 119 -9.00 -6.92 19.53
C SER A 119 -9.18 -5.41 19.47
N TYR A 120 -8.16 -4.68 19.00
CA TYR A 120 -8.30 -3.24 18.85
C TYR A 120 -9.25 -2.90 17.69
N ALA A 121 -9.26 -3.72 16.64
CA ALA A 121 -10.19 -3.51 15.54
C ALA A 121 -11.63 -3.68 15.99
N LEU A 122 -11.88 -4.59 16.94
CA LEU A 122 -13.23 -4.73 17.47
C LEU A 122 -13.68 -3.48 18.20
N LYS A 123 -12.75 -2.79 18.87
CA LYS A 123 -13.06 -1.51 19.49
C LYS A 123 -13.47 -0.48 18.43
N VAL A 124 -12.77 -0.46 17.30
CA VAL A 124 -13.14 0.44 16.21
C VAL A 124 -14.51 0.08 15.67
N ILE A 125 -14.79 -1.22 15.55
CA ILE A 125 -16.10 -1.66 15.04
C ILE A 125 -17.21 -1.22 15.98
N ARG A 126 -17.00 -1.36 17.29
CA ARG A 126 -18.00 -0.92 18.25
C ARG A 126 -18.27 0.58 18.13
N LEU A 127 -17.22 1.36 17.89
CA LEU A 127 -17.37 2.82 17.85
C LEU A 127 -17.91 3.29 16.50
N LEU A 128 -17.32 2.84 15.40
CA LEU A 128 -17.68 3.37 14.09
C LEU A 128 -18.86 2.65 13.45
N TYR A 129 -19.07 1.38 13.75
CA TYR A 129 -20.18 0.60 13.19
C TYR A 129 -20.96 -0.05 14.33
N PRO A 130 -21.72 0.73 15.09
CA PRO A 130 -22.41 0.19 16.27
C PRO A 130 -23.56 -0.75 15.93
N SER A 131 -23.99 -0.83 14.67
CA SER A 131 -25.02 -1.79 14.29
C SER A 131 -24.48 -3.21 14.16
N VAL A 132 -23.17 -3.39 14.19
CA VAL A 132 -22.56 -4.71 14.10
C VAL A 132 -22.65 -5.40 15.46
N GLU A 133 -23.30 -6.56 15.51
CA GLU A 133 -23.47 -7.29 16.75
C GLU A 133 -22.57 -8.51 16.86
N TRP A 134 -21.98 -8.96 15.76
CA TRP A 134 -21.07 -10.11 15.78
C TRP A 134 -20.25 -10.11 14.50
N VAL A 135 -19.04 -10.66 14.60
CA VAL A 135 -18.15 -10.81 13.45
C VAL A 135 -17.73 -12.27 13.34
N GLN A 136 -17.38 -12.68 12.12
CA GLN A 136 -16.94 -14.04 11.86
C GLN A 136 -15.68 -14.02 11.01
N SER A 137 -14.92 -15.10 11.12
CA SER A 137 -13.68 -15.26 10.38
C SER A 137 -13.48 -16.73 10.05
N PHE A 138 -12.58 -17.00 9.11
CA PHE A 138 -12.34 -18.35 8.63
C PHE A 138 -10.85 -18.66 8.64
N ALA A 139 -10.51 -19.87 9.05
CA ALA A 139 -9.15 -20.39 9.01
C ALA A 139 -9.13 -21.67 8.19
N ASP A 140 -8.03 -21.89 7.47
CA ASP A 140 -7.86 -23.13 6.72
C ASP A 140 -6.37 -23.46 6.67
N GLU A 141 -6.04 -24.50 5.89
CA GLU A 141 -4.69 -25.04 5.86
C GLU A 141 -3.68 -24.15 5.15
N ARG A 142 -4.14 -23.12 4.44
CA ARG A 142 -3.19 -22.20 3.81
C ARG A 142 -2.49 -21.31 4.84
N CYS A 143 -3.03 -21.21 6.05
CA CYS A 143 -2.39 -20.43 7.12
C CYS A 143 -2.89 -20.98 8.45
N GLY A 144 -2.13 -21.92 9.02
CA GLY A 144 -2.49 -22.52 10.29
C GLY A 144 -2.40 -21.57 11.47
N ARG A 145 -1.80 -20.39 11.28
N ARG A 145 -1.82 -20.38 11.28
CA ARG A 145 -1.68 -19.42 12.36
CA ARG A 145 -1.68 -19.42 12.35
C ARG A 145 -2.98 -18.69 12.64
C ARG A 145 -2.97 -18.68 12.63
N ALA A 146 -3.84 -18.55 11.63
CA ALA A 146 -5.08 -17.78 11.80
C ALA A 146 -5.99 -18.39 12.87
N GLY A 147 -6.11 -19.71 12.90
CA GLY A 147 -6.91 -20.34 13.92
C GLY A 147 -6.39 -20.04 15.32
N VAL A 148 -5.08 -20.07 15.50
CA VAL A 148 -4.48 -19.73 16.79
C VAL A 148 -4.78 -18.27 17.13
N VAL A 149 -4.74 -17.39 16.14
CA VAL A 149 -5.00 -15.97 16.38
C VAL A 149 -6.43 -15.76 16.83
N TYR A 150 -7.38 -16.40 16.16
CA TYR A 150 -8.79 -16.22 16.52
C TYR A 150 -9.09 -16.75 17.91
N GLN A 151 -8.48 -17.87 18.29
CA GLN A 151 -8.63 -18.37 19.65
C GLN A 151 -8.04 -17.40 20.66
N ALA A 152 -6.88 -16.83 20.35
CA ALA A 152 -6.26 -15.86 21.25
C ALA A 152 -7.09 -14.59 21.36
N SER A 153 -7.87 -14.26 20.32
CA SER A 153 -8.76 -13.11 20.33
C SER A 153 -10.12 -13.44 20.93
N ASN A 154 -10.28 -14.64 21.50
CA ASN A 154 -11.49 -15.06 22.20
C ASN A 154 -12.68 -15.16 21.25
N PHE A 155 -12.44 -15.71 20.06
CA PHE A 155 -13.53 -16.13 19.18
C PHE A 155 -14.00 -17.52 19.59
N ASP A 156 -15.28 -17.80 19.36
CA ASP A 156 -15.81 -19.14 19.51
C ASP A 156 -15.79 -19.86 18.17
N PHE A 157 -15.55 -21.17 18.23
CA PHE A 157 -15.57 -22.02 17.04
C PHE A 157 -16.96 -22.63 16.88
N ILE A 158 -17.54 -22.49 15.68
CA ILE A 158 -18.92 -22.92 15.48
C ILE A 158 -19.07 -23.85 14.29
N GLY A 159 -17.98 -24.48 13.86
CA GLY A 159 -18.06 -25.54 12.88
C GLY A 159 -17.16 -25.31 11.68
N SER A 160 -17.05 -26.36 10.87
CA SER A 160 -16.24 -26.36 9.67
C SER A 160 -17.08 -26.76 8.47
N HIS A 161 -16.53 -26.55 7.28
CA HIS A 161 -17.18 -26.92 6.03
C HIS A 161 -16.15 -26.90 4.91
N GLU A 162 -16.46 -27.61 3.83
CA GLU A 162 -15.59 -27.66 2.67
C GLU A 162 -15.96 -26.55 1.70
N SER A 163 -14.95 -25.89 1.14
CA SER A 163 -15.14 -24.82 0.18
C SER A 163 -14.28 -25.07 -1.05
N THR A 164 -14.77 -24.63 -2.20
CA THR A 164 -14.07 -24.80 -3.47
C THR A 164 -13.37 -23.49 -3.84
N PHE A 165 -12.08 -23.59 -4.16
CA PHE A 165 -11.28 -22.44 -4.55
C PHE A 165 -10.66 -22.69 -5.92
N TYR A 166 -10.49 -21.61 -6.67
CA TYR A 166 -9.83 -21.64 -7.97
C TYR A 166 -8.55 -20.83 -7.91
N GLU A 167 -7.44 -21.46 -8.30
CA GLU A 167 -6.15 -20.80 -8.36
C GLU A 167 -5.81 -20.50 -9.82
N LEU A 168 -5.58 -19.23 -10.12
CA LEU A 168 -5.33 -18.78 -11.49
C LEU A 168 -4.17 -17.80 -11.49
N ASP A 169 -3.02 -18.21 -12.02
CA ASP A 169 -1.84 -17.36 -12.14
C ASP A 169 -1.40 -16.81 -10.78
N GLY A 170 -1.35 -17.70 -9.79
CA GLY A 170 -0.95 -17.33 -8.45
C GLY A 170 -2.02 -16.67 -7.61
N GLU A 171 -3.16 -16.31 -8.18
CA GLU A 171 -4.24 -15.67 -7.46
C GLU A 171 -5.31 -16.70 -7.11
N TRP A 172 -6.01 -16.45 -6.00
CA TRP A 172 -6.97 -17.39 -5.45
C TRP A 172 -8.35 -16.75 -5.38
N TYR A 173 -9.36 -17.52 -5.79
CA TYR A 173 -10.74 -17.04 -5.86
C TYR A 173 -11.65 -18.06 -5.20
N HIS A 174 -12.51 -17.60 -4.30
CA HIS A 174 -13.58 -18.45 -3.80
C HIS A 174 -14.56 -18.74 -4.94
N GLU A 175 -15.26 -19.87 -4.82
CA GLU A 175 -16.21 -20.23 -5.87
C GLU A 175 -17.36 -19.23 -5.96
N ILE A 176 -17.66 -18.55 -4.85
CA ILE A 176 -18.66 -17.48 -4.89
C ILE A 176 -18.13 -16.31 -5.73
N THR A 177 -16.91 -15.86 -5.44
CA THR A 177 -16.30 -14.79 -6.23
C THR A 177 -16.16 -15.21 -7.68
N MET A 178 -15.93 -16.50 -7.94
CA MET A 178 -15.75 -16.97 -9.30
C MET A 178 -17.02 -16.81 -10.12
N ASN A 179 -18.16 -17.22 -9.55
CA ASN A 179 -19.43 -17.26 -10.28
C ASN A 179 -20.27 -16.02 -10.05
N ALA A 180 -19.73 -14.98 -9.41
CA ALA A 180 -20.48 -13.76 -9.13
C ALA A 180 -20.56 -12.90 -10.40
N ILE A 181 -21.39 -13.36 -11.33
CA ILE A 181 -21.62 -12.61 -12.56
C ILE A 181 -22.38 -11.32 -12.26
N LYS A 182 -23.21 -11.31 -11.22
CA LYS A 182 -24.05 -10.16 -10.91
C LYS A 182 -23.25 -8.95 -10.45
N ARG A 183 -21.98 -9.14 -10.07
CA ARG A 183 -21.19 -8.00 -9.61
C ARG A 183 -20.92 -7.02 -10.74
N GLY A 184 -20.66 -7.52 -11.94
CA GLY A 184 -20.33 -6.66 -13.06
C GLY A 184 -18.92 -6.11 -13.00
N GLY A 185 -17.97 -6.91 -12.56
CA GLY A 185 -16.59 -6.48 -12.43
C GLY A 185 -15.76 -6.87 -13.64
N GLN A 186 -14.83 -5.99 -14.01
CA GLN A 186 -13.92 -6.29 -15.10
C GLN A 186 -12.97 -7.43 -14.76
N ARG A 187 -12.81 -7.74 -13.48
CA ARG A 187 -12.00 -8.90 -13.08
C ARG A 187 -12.76 -10.19 -13.31
N GLY A 188 -14.03 -10.24 -12.89
CA GLY A 188 -14.79 -11.48 -12.96
C GLY A 188 -15.04 -11.98 -14.36
N VAL A 189 -15.19 -11.07 -15.33
CA VAL A 189 -15.42 -11.50 -16.71
C VAL A 189 -14.16 -12.15 -17.27
N TYR A 190 -12.98 -11.61 -16.94
CA TYR A 190 -11.74 -12.26 -17.31
C TYR A 190 -11.57 -13.59 -16.58
N LEU A 191 -12.15 -13.72 -15.39
CA LEU A 191 -11.98 -14.93 -14.60
C LEU A 191 -12.65 -16.13 -15.27
N ARG A 192 -13.95 -16.00 -15.56
CA ARG A 192 -14.65 -17.09 -16.26
C ARG A 192 -14.13 -17.29 -17.67
N ALA A 193 -13.40 -16.32 -18.22
CA ALA A 193 -12.78 -16.50 -19.53
C ALA A 193 -11.63 -17.49 -19.45
N ASN A 194 -10.79 -17.37 -18.43
CA ASN A 194 -9.69 -18.30 -18.18
C ASN A 194 -10.05 -19.35 -17.15
N LYS A 195 -11.34 -19.68 -17.03
CA LYS A 195 -11.78 -20.65 -16.04
C LYS A 195 -11.20 -22.04 -16.30
N GLU A 196 -10.88 -22.35 -17.55
CA GLU A 196 -10.35 -23.67 -17.89
C GLU A 196 -8.87 -23.82 -17.55
N ARG A 197 -8.14 -22.70 -17.44
CA ARG A 197 -6.77 -22.74 -16.96
C ARG A 197 -6.69 -22.85 -15.44
N ALA A 198 -7.75 -22.46 -14.73
CA ALA A 198 -7.72 -22.43 -13.28
C ALA A 198 -7.65 -23.83 -12.69
N VAL A 199 -6.88 -23.97 -11.62
CA VAL A 199 -6.74 -25.24 -10.91
C VAL A 199 -7.74 -25.23 -9.75
N VAL A 200 -8.58 -26.27 -9.70
CA VAL A 200 -9.63 -26.34 -8.69
C VAL A 200 -9.05 -26.90 -7.40
N HIS A 201 -9.38 -26.28 -6.27
CA HIS A 201 -8.97 -26.73 -4.95
C HIS A 201 -10.18 -26.79 -4.04
N LYS A 202 -10.24 -27.83 -3.21
CA LYS A 202 -11.25 -27.94 -2.16
C LYS A 202 -10.55 -27.96 -0.82
N PHE A 203 -10.89 -27.00 0.04
CA PHE A 203 -10.29 -26.85 1.35
C PHE A 203 -11.36 -26.90 2.43
N ASN A 204 -10.96 -27.41 3.60
CA ASN A 204 -11.80 -27.32 4.79
C ASN A 204 -11.61 -25.95 5.42
N GLN A 205 -12.72 -25.27 5.72
CA GLN A 205 -12.69 -23.96 6.34
C GLN A 205 -13.31 -24.04 7.73
N TYR A 206 -12.66 -23.43 8.71
CA TYR A 206 -13.07 -23.49 10.10
C TYR A 206 -13.58 -22.12 10.52
N ARG A 207 -14.85 -22.06 10.90
CA ARG A 207 -15.54 -20.79 11.11
C ARG A 207 -15.47 -20.39 12.58
N TYR A 208 -14.96 -19.18 12.84
CA TYR A 208 -14.94 -18.60 14.17
C TYR A 208 -15.89 -17.41 14.22
N ILE A 209 -16.41 -17.13 15.41
CA ILE A 209 -17.38 -16.05 15.60
C ILE A 209 -17.09 -15.35 16.92
N ARG A 210 -17.35 -14.04 16.95
CA ARG A 210 -17.17 -13.22 18.15
C ARG A 210 -18.39 -12.32 18.30
N PHE A 211 -19.13 -12.51 19.39
CA PHE A 211 -20.34 -11.74 19.64
C PHE A 211 -19.99 -10.43 20.34
N LEU A 212 -20.33 -9.31 19.71
CA LEU A 212 -20.15 -8.00 20.32
C LEU A 212 -21.35 -7.60 21.18
N ASN A 213 -22.54 -8.08 20.82
CA ASN A 213 -23.74 -7.91 21.63
C ASN A 213 -24.09 -9.28 22.20
N LYS A 214 -23.99 -9.41 23.52
CA LYS A 214 -24.12 -10.72 24.14
C LYS A 214 -25.50 -11.32 23.92
N ARG A 215 -26.52 -10.49 23.70
CA ARG A 215 -27.86 -11.00 23.43
C ARG A 215 -27.96 -11.66 22.07
N ALA A 216 -27.06 -11.31 21.14
CA ALA A 216 -27.07 -11.93 19.81
C ALA A 216 -26.64 -13.40 19.84
N ARG A 217 -26.04 -13.87 20.94
N ARG A 217 -26.04 -13.85 20.95
CA ARG A 217 -25.64 -15.26 21.03
CA ARG A 217 -25.64 -15.25 21.06
C ARG A 217 -26.86 -16.19 21.04
C ARG A 217 -26.86 -16.17 21.01
N LYS A 218 -27.98 -15.73 21.59
CA LYS A 218 -29.17 -16.57 21.65
C LYS A 218 -29.71 -16.90 20.27
N ARG A 219 -29.48 -16.02 19.29
CA ARG A 219 -30.05 -16.17 17.96
C ARG A 219 -29.12 -16.91 17.00
N LEU A 220 -28.12 -17.62 17.52
CA LEU A 220 -27.27 -18.44 16.67
C LEU A 220 -28.07 -19.58 16.05
N ASN A 221 -28.00 -19.69 14.73
CA ASN A 221 -28.75 -20.72 14.01
C ASN A 221 -28.27 -22.11 14.38
N THR A 222 -28.86 -22.70 15.41
CA THR A 222 -28.41 -23.99 15.93
C THR A 222 -28.70 -25.15 14.97
N LYS A 223 -29.49 -24.93 13.92
CA LYS A 223 -29.72 -25.97 12.93
C LYS A 223 -28.54 -26.14 11.98
N LEU A 224 -27.64 -25.16 11.94
CA LEU A 224 -26.45 -25.22 11.10
C LEU A 224 -25.14 -25.05 11.87
N PHE A 225 -25.16 -24.37 13.01
CA PHE A 225 -23.94 -24.04 13.73
C PHE A 225 -24.11 -24.33 15.21
N LYS A 226 -22.97 -24.49 15.89
CA LYS A 226 -22.97 -24.90 17.29
C LYS A 226 -21.60 -24.57 17.87
N VAL A 227 -21.59 -23.94 19.06
CA VAL A 227 -20.33 -23.66 19.72
C VAL A 227 -19.69 -24.97 20.15
N GLN A 228 -18.45 -25.19 19.74
CA GLN A 228 -17.74 -26.45 19.92
C GLN A 228 -16.34 -26.19 20.44
N PRO A 229 -15.68 -27.23 20.95
CA PRO A 229 -14.24 -27.09 21.27
C PRO A 229 -13.43 -26.77 20.03
N TYR A 230 -12.31 -26.07 20.25
CA TYR A 230 -11.46 -25.67 19.15
C TYR A 230 -10.96 -26.90 18.40
N PRO A 231 -10.84 -26.83 17.06
CA PRO A 231 -10.39 -28.01 16.30
C PRO A 231 -8.91 -28.33 16.48
N LYS A 232 -8.13 -27.40 17.02
CA LYS A 232 -6.70 -27.64 17.22
C LYS A 232 -6.17 -26.78 18.36
N LEU B 11 -1.05 30.28 8.70
CA LEU B 11 -1.00 29.33 7.59
C LEU B 11 -0.08 28.17 7.92
N THR B 12 0.04 27.22 6.99
CA THR B 12 0.89 26.04 7.17
C THR B 12 2.18 26.27 6.38
N LYS B 13 3.19 26.78 7.07
CA LYS B 13 4.51 26.87 6.46
C LYS B 13 5.25 25.56 6.64
N PRO B 14 6.17 25.23 5.75
CA PRO B 14 6.91 23.97 5.88
C PRO B 14 7.94 24.06 6.98
N CYS B 15 8.32 22.88 7.49
CA CYS B 15 9.36 22.77 8.49
C CYS B 15 9.80 21.31 8.57
N VAL B 16 11.01 21.10 9.09
CA VAL B 16 11.53 19.75 9.25
C VAL B 16 10.65 18.98 10.22
N ILE B 17 10.42 17.71 9.91
CA ILE B 17 9.52 16.85 10.68
C ILE B 17 10.36 15.79 11.38
N GLU B 18 10.19 15.69 12.70
CA GLU B 18 10.98 14.80 13.53
C GLU B 18 10.09 13.77 14.21
N TYR B 19 10.68 12.63 14.54
CA TYR B 19 10.02 11.59 15.33
C TYR B 19 11.05 11.02 16.29
N GLU B 20 10.83 11.22 17.58
CA GLU B 20 11.77 10.82 18.63
C GLU B 20 13.15 11.45 18.39
N GLY B 21 13.14 12.75 18.12
CA GLY B 21 14.37 13.50 17.92
C GLY B 21 14.96 13.36 16.53
N GLN B 22 14.77 12.22 15.89
CA GLN B 22 15.37 11.95 14.60
C GLN B 22 14.62 12.65 13.48
N ILE B 23 15.38 13.17 12.51
CA ILE B 23 14.79 13.84 11.36
C ILE B 23 14.17 12.80 10.43
N VAL B 24 12.91 13.03 10.05
CA VAL B 24 12.13 12.02 9.34
C VAL B 24 11.55 12.56 8.04
N GLY B 25 11.32 13.86 7.96
CA GLY B 25 10.76 14.41 6.74
C GLY B 25 10.76 15.92 6.75
N TYR B 26 9.94 16.49 5.86
CA TYR B 26 9.85 17.93 5.70
C TYR B 26 8.53 18.27 5.01
N GLY B 27 7.86 19.30 5.50
CA GLY B 27 6.63 19.76 4.90
C GLY B 27 5.70 20.32 5.96
N SER B 28 4.43 20.43 5.59
CA SER B 28 3.38 20.95 6.46
C SER B 28 2.32 19.87 6.66
N LYS B 29 1.27 20.21 7.40
CA LYS B 29 0.20 19.26 7.67
C LYS B 29 -0.55 18.90 6.39
N GLU B 30 -0.79 19.88 5.52
CA GLU B 30 -1.54 19.63 4.29
C GLU B 30 -0.69 18.94 3.22
N LEU B 31 0.63 19.05 3.29
CA LEU B 31 1.49 18.43 2.28
C LEU B 31 2.88 18.28 2.87
N ARG B 32 3.39 17.05 2.90
CA ARG B 32 4.72 16.78 3.42
C ARG B 32 5.23 15.48 2.82
N VAL B 33 6.52 15.25 2.97
CA VAL B 33 7.15 13.99 2.59
C VAL B 33 7.91 13.45 3.80
N GLU B 34 7.79 12.15 4.03
CA GLU B 34 8.47 11.49 5.13
C GLU B 34 9.01 10.15 4.66
N THR B 35 10.01 9.64 5.37
CA THR B 35 10.56 8.34 5.04
C THR B 35 9.54 7.24 5.33
N ILE B 36 9.48 6.26 4.43
CA ILE B 36 8.66 5.07 4.61
C ILE B 36 9.52 3.85 4.32
N SER B 37 9.03 2.68 4.73
CA SER B 37 9.79 1.46 4.59
C SER B 37 9.97 1.10 3.11
N CYS B 38 11.00 0.30 2.84
CA CYS B 38 11.28 -0.09 1.47
C CYS B 38 10.19 -0.98 0.89
N TRP B 39 9.68 -1.93 1.69
CA TRP B 39 8.65 -2.82 1.18
C TRP B 39 7.36 -2.07 0.86
N LEU B 40 7.03 -1.03 1.64
CA LEU B 40 5.82 -0.27 1.37
C LEU B 40 5.95 0.58 0.12
N ALA B 41 7.13 1.20 -0.07
CA ALA B 41 7.36 2.00 -1.26
C ALA B 41 7.34 1.13 -2.51
N ARG B 42 7.99 -0.02 -2.47
CA ARG B 42 8.01 -0.92 -3.61
C ARG B 42 6.61 -1.46 -3.91
N THR B 43 5.83 -1.76 -2.87
CA THR B 43 4.50 -2.31 -3.07
C THR B 43 3.60 -1.32 -3.79
N ILE B 44 3.60 -0.07 -3.34
CA ILE B 44 2.74 0.94 -3.95
C ILE B 44 3.20 1.24 -5.38
N ILE B 45 4.51 1.34 -5.59
CA ILE B 45 5.02 1.72 -6.91
C ILE B 45 4.70 0.66 -7.95
N GLN B 46 5.02 -0.61 -7.65
CA GLN B 46 4.78 -1.67 -8.63
C GLN B 46 3.30 -1.91 -8.90
N THR B 47 2.41 -1.34 -8.10
CA THR B 47 0.98 -1.41 -8.33
C THR B 47 0.42 -0.19 -9.05
N LYS B 48 0.94 1.00 -8.74
CA LYS B 48 0.37 2.25 -9.21
C LYS B 48 1.15 2.91 -10.34
N HIS B 49 2.46 2.72 -10.39
CA HIS B 49 3.27 3.33 -11.44
C HIS B 49 2.97 2.68 -12.78
N TYR B 50 3.15 3.46 -13.85
CA TYR B 50 2.81 2.96 -15.19
C TYR B 50 3.71 1.80 -15.60
N SER B 51 4.95 1.77 -15.10
CA SER B 51 5.85 0.66 -15.41
C SER B 51 5.48 -0.61 -14.66
N ARG B 52 4.60 -0.53 -13.66
CA ARG B 52 4.22 -1.68 -12.84
C ARG B 52 5.44 -2.36 -12.22
N ARG B 53 6.47 -1.56 -11.92
CA ARG B 53 7.72 -2.13 -11.42
C ARG B 53 8.47 -1.08 -10.60
N PHE B 54 9.21 -1.57 -9.62
CA PHE B 54 10.22 -0.80 -8.92
C PHE B 54 11.59 -1.15 -9.47
N VAL B 55 12.60 -0.38 -9.06
CA VAL B 55 13.98 -0.66 -9.45
C VAL B 55 14.80 -0.87 -8.19
N ASN B 56 15.82 -1.71 -8.31
CA ASN B 56 16.68 -2.02 -7.16
C ASN B 56 17.64 -0.89 -6.84
N ASN B 57 17.79 0.09 -7.72
CA ASN B 57 18.75 1.17 -7.49
C ASN B 57 18.29 2.15 -6.41
N SER B 58 17.01 2.14 -6.06
CA SER B 58 16.47 3.09 -5.10
C SER B 58 16.88 2.71 -3.68
N TYR B 59 17.35 3.71 -2.91
CA TYR B 59 17.65 3.50 -1.50
C TYR B 59 17.11 4.59 -0.60
N LEU B 60 16.41 5.59 -1.14
CA LEU B 60 15.66 6.56 -0.34
C LEU B 60 14.19 6.44 -0.70
N HIS B 61 13.38 6.00 0.27
CA HIS B 61 11.96 5.72 0.04
C HIS B 61 11.14 6.73 0.82
N LEU B 62 10.43 7.59 0.09
CA LEU B 62 9.67 8.69 0.67
C LEU B 62 8.20 8.52 0.35
N GLY B 63 7.35 8.86 1.30
CA GLY B 63 5.91 8.91 1.10
C GLY B 63 5.42 10.34 1.14
N VAL B 64 4.41 10.64 0.32
CA VAL B 64 3.76 11.95 0.32
C VAL B 64 2.51 11.86 1.17
N PHE B 65 2.34 12.81 2.08
CA PHE B 65 1.23 12.80 3.02
C PHE B 65 0.46 14.11 2.94
N SER B 66 -0.86 14.00 2.98
CA SER B 66 -1.75 15.15 3.09
C SER B 66 -2.69 14.90 4.26
N GLY B 67 -2.58 15.71 5.30
CA GLY B 67 -3.32 15.41 6.52
C GLY B 67 -2.72 14.19 7.19
N ARG B 68 -3.56 13.19 7.45
CA ARG B 68 -3.10 11.94 8.03
C ARG B 68 -2.94 10.82 7.00
N ASP B 69 -3.21 11.10 5.73
CA ASP B 69 -3.29 10.08 4.69
C ASP B 69 -2.06 10.08 3.81
N LEU B 70 -1.57 8.89 3.49
CA LEU B 70 -0.52 8.71 2.50
C LEU B 70 -1.12 8.84 1.10
N VAL B 71 -0.51 9.68 0.26
CA VAL B 71 -1.07 10.00 -1.04
C VAL B 71 -0.06 9.85 -2.18
N GLY B 72 1.18 9.48 -1.89
CA GLY B 72 2.16 9.36 -2.96
C GLY B 72 3.45 8.75 -2.45
N VAL B 73 4.31 8.41 -3.42
CA VAL B 73 5.60 7.77 -3.13
C VAL B 73 6.64 8.34 -4.09
N LEU B 74 7.81 8.71 -3.54
CA LEU B 74 8.97 9.07 -4.32
C LEU B 74 10.14 8.17 -3.93
N GLN B 75 10.86 7.66 -4.92
CA GLN B 75 11.99 6.76 -4.70
C GLN B 75 13.22 7.31 -5.40
N TRP B 76 14.27 7.59 -4.63
CA TRP B 76 15.53 8.10 -5.15
C TRP B 76 16.62 7.06 -4.94
N GLY B 77 17.64 7.12 -5.79
CA GLY B 77 18.74 6.20 -5.68
C GLY B 77 19.74 6.39 -6.79
N TYR B 78 20.49 5.33 -7.08
CA TYR B 78 21.46 5.36 -8.15
C TYR B 78 20.75 5.40 -9.51
N ALA B 79 21.48 5.87 -10.52
CA ALA B 79 21.04 5.68 -11.88
C ALA B 79 21.04 4.20 -12.23
N LEU B 80 20.35 3.85 -13.32
CA LEU B 80 20.31 2.45 -13.76
C LEU B 80 21.71 1.88 -13.88
N ASN B 81 22.61 2.64 -14.50
CA ASN B 81 24.05 2.39 -14.39
C ASN B 81 24.58 3.31 -13.29
N PRO B 82 24.87 2.81 -12.09
CA PRO B 82 25.29 3.71 -11.01
C PRO B 82 26.58 4.46 -11.30
N ASN B 83 27.38 4.00 -12.27
CA ASN B 83 28.63 4.67 -12.60
C ASN B 83 28.45 5.82 -13.57
N SER B 84 27.29 5.93 -14.24
CA SER B 84 27.07 6.99 -15.22
C SER B 84 26.91 8.36 -14.58
N GLY B 85 26.98 8.47 -13.25
CA GLY B 85 26.87 9.77 -12.61
C GLY B 85 28.01 10.70 -13.00
N ARG B 86 29.23 10.17 -13.10
CA ARG B 86 30.35 11.00 -13.53
C ARG B 86 30.30 11.34 -15.01
N ARG B 87 29.48 10.63 -15.79
CA ARG B 87 29.27 11.02 -17.18
C ARG B 87 28.52 12.34 -17.27
N VAL B 88 27.59 12.59 -16.34
CA VAL B 88 26.78 13.80 -16.39
C VAL B 88 27.52 14.97 -15.74
N VAL B 89 28.07 14.74 -14.55
CA VAL B 89 28.80 15.75 -13.79
C VAL B 89 30.13 15.16 -13.42
N LEU B 90 31.22 15.72 -13.96
CA LEU B 90 32.55 15.15 -13.78
C LEU B 90 32.92 15.10 -12.30
N GLU B 91 33.70 14.08 -11.94
CA GLU B 91 34.21 13.89 -10.58
C GLU B 91 33.09 13.74 -9.56
N THR B 92 32.06 12.98 -9.93
CA THR B 92 30.94 12.69 -9.04
C THR B 92 31.02 11.25 -8.59
N ASP B 93 31.17 11.04 -7.28
CA ASP B 93 31.14 9.70 -6.72
C ASP B 93 29.75 9.09 -6.91
N ASN B 94 29.69 7.76 -6.85
CA ASN B 94 28.41 7.07 -7.02
C ASN B 94 27.38 7.45 -5.97
N ARG B 95 27.81 8.06 -4.86
CA ARG B 95 26.90 8.52 -3.82
C ARG B 95 26.86 10.04 -3.71
N GLY B 96 27.44 10.76 -4.67
CA GLY B 96 27.35 12.20 -4.72
C GLY B 96 26.18 12.73 -5.51
N TYR B 97 25.29 11.85 -5.98
CA TYR B 97 24.13 12.25 -6.76
C TYR B 97 23.00 11.28 -6.48
N MET B 98 21.81 11.66 -6.93
CA MET B 98 20.64 10.79 -6.86
C MET B 98 19.80 10.98 -8.12
N GLU B 99 19.18 9.89 -8.56
CA GLU B 99 18.21 9.94 -9.64
C GLU B 99 16.82 9.63 -9.08
N LEU B 100 15.84 10.41 -9.51
CA LEU B 100 14.45 10.13 -9.18
C LEU B 100 14.01 8.91 -9.98
N ASN B 101 14.04 7.73 -9.34
CA ASN B 101 13.77 6.49 -10.05
C ASN B 101 12.27 6.31 -10.30
N ARG B 102 11.44 6.59 -9.30
CA ARG B 102 10.01 6.36 -9.40
C ARG B 102 9.26 7.43 -8.64
N MET B 103 8.11 7.84 -9.18
CA MET B 103 7.22 8.77 -8.49
C MET B 103 5.79 8.50 -8.92
N TRP B 104 4.89 8.47 -7.94
CA TRP B 104 3.46 8.35 -8.20
C TRP B 104 2.71 9.16 -7.14
N LEU B 105 1.62 9.81 -7.57
CA LEU B 105 0.75 10.54 -6.66
C LEU B 105 -0.70 10.20 -6.97
N HIS B 106 -1.52 10.17 -5.93
CA HIS B 106 -2.95 9.89 -6.08
C HIS B 106 -3.63 11.05 -6.81
N ASP B 107 -4.71 10.72 -7.52
CA ASP B 107 -5.37 11.73 -8.35
C ASP B 107 -5.97 12.85 -7.51
N ASP B 108 -6.50 12.53 -6.32
CA ASP B 108 -7.21 13.49 -5.50
C ASP B 108 -6.24 14.37 -4.70
N MET B 109 -5.35 15.04 -5.44
CA MET B 109 -4.40 15.98 -4.87
C MET B 109 -4.42 17.27 -5.68
N PRO B 110 -4.11 18.40 -5.05
CA PRO B 110 -4.02 19.66 -5.80
C PRO B 110 -3.03 19.55 -6.95
N ARG B 111 -3.30 20.28 -8.02
CA ARG B 111 -2.52 20.18 -9.24
C ARG B 111 -1.09 20.69 -9.09
N ASN B 112 -0.78 21.35 -7.98
CA ASN B 112 0.57 21.82 -7.70
C ASN B 112 1.32 20.96 -6.71
N SER B 113 0.70 19.88 -6.21
CA SER B 113 1.27 19.13 -5.11
C SER B 113 2.52 18.35 -5.52
N GLU B 114 2.59 17.90 -6.78
CA GLU B 114 3.71 17.07 -7.19
C GLU B 114 5.02 17.88 -7.25
N ALA B 115 4.95 19.15 -7.62
CA ALA B 115 6.15 19.98 -7.62
C ALA B 115 6.55 20.38 -6.21
N ARG B 116 5.57 20.68 -5.35
CA ARG B 116 5.87 20.99 -3.97
C ARG B 116 6.40 19.76 -3.23
N ALA B 117 5.96 18.55 -3.64
CA ALA B 117 6.49 17.34 -3.03
C ALA B 117 7.93 17.09 -3.44
N ILE B 118 8.25 17.30 -4.72
CA ILE B 118 9.63 17.15 -5.18
C ILE B 118 10.53 18.14 -4.46
N SER B 119 10.04 19.36 -4.21
CA SER B 119 10.83 20.35 -3.49
C SER B 119 11.07 19.92 -2.04
N TYR B 120 10.05 19.37 -1.39
CA TYR B 120 10.22 18.92 -0.01
C TYR B 120 11.13 17.70 0.06
N ALA B 121 11.08 16.84 -0.96
CA ALA B 121 12.01 15.71 -1.01
C ALA B 121 13.45 16.18 -1.09
N LEU B 122 13.69 17.32 -1.75
CA LEU B 122 15.05 17.85 -1.84
C LEU B 122 15.53 18.36 -0.49
N LYS B 123 14.63 18.95 0.31
CA LYS B 123 15.00 19.36 1.66
C LYS B 123 15.38 18.15 2.51
N VAL B 124 14.69 17.04 2.33
CA VAL B 124 15.01 15.82 3.07
C VAL B 124 16.37 15.27 2.63
N ILE B 125 16.68 15.40 1.34
CA ILE B 125 17.97 14.91 0.84
C ILE B 125 19.12 15.75 1.41
N ARG B 126 18.92 17.07 1.54
CA ARG B 126 19.95 17.92 2.12
C ARG B 126 20.22 17.55 3.57
N LEU B 127 19.20 17.10 4.29
CA LEU B 127 19.37 16.80 5.71
C LEU B 127 19.91 15.39 5.94
N LEU B 128 19.39 14.41 5.20
CA LEU B 128 19.74 13.01 5.45
C LEU B 128 20.91 12.52 4.60
N TYR B 129 21.14 13.12 3.44
CA TYR B 129 22.22 12.72 2.55
C TYR B 129 22.98 13.96 2.11
N PRO B 130 23.86 14.50 2.97
CA PRO B 130 24.57 15.73 2.61
C PRO B 130 25.64 15.54 1.55
N SER B 131 25.99 14.30 1.21
CA SER B 131 26.99 14.06 0.17
C SER B 131 26.43 14.31 -1.23
N VAL B 132 25.11 14.33 -1.38
CA VAL B 132 24.48 14.49 -2.69
C VAL B 132 24.57 15.95 -3.11
N GLU B 133 25.28 16.21 -4.20
CA GLU B 133 25.46 17.57 -4.69
C GLU B 133 24.48 17.94 -5.80
N TRP B 134 23.85 16.97 -6.44
CA TRP B 134 22.91 17.24 -7.52
C TRP B 134 22.04 16.01 -7.75
N VAL B 135 20.87 16.24 -8.34
CA VAL B 135 19.94 15.18 -8.67
C VAL B 135 19.44 15.35 -10.10
N GLN B 136 19.02 14.25 -10.70
CA GLN B 136 18.51 14.27 -12.06
C GLN B 136 17.23 13.44 -12.15
N SER B 137 16.44 13.74 -13.17
CA SER B 137 15.18 13.03 -13.41
C SER B 137 14.90 13.06 -14.91
N PHE B 138 13.95 12.23 -15.33
CA PHE B 138 13.61 12.09 -16.73
C PHE B 138 12.11 12.21 -16.93
N ALA B 139 11.72 12.75 -18.08
CA ALA B 139 10.33 12.87 -18.48
C ALA B 139 10.15 12.33 -19.89
N ASP B 140 8.92 11.95 -20.20
CA ASP B 140 8.57 11.44 -21.52
C ASP B 140 7.80 12.49 -22.31
N GLU B 141 7.86 12.37 -23.63
CA GLU B 141 7.11 13.28 -24.49
C GLU B 141 5.62 13.01 -24.46
N ARG B 142 5.22 11.77 -24.15
CA ARG B 142 3.81 11.48 -23.91
C ARG B 142 3.27 12.18 -22.68
N CYS B 143 4.16 12.73 -21.83
CA CYS B 143 3.77 13.43 -20.62
C CYS B 143 4.63 14.69 -20.48
N GLY B 144 4.34 15.70 -21.31
CA GLY B 144 4.92 17.01 -21.10
C GLY B 144 4.52 17.65 -19.80
N ARG B 145 3.50 17.10 -19.13
CA ARG B 145 3.13 17.55 -17.79
C ARG B 145 4.22 17.23 -16.78
N ALA B 146 4.85 16.05 -16.90
CA ALA B 146 5.94 15.71 -16.00
C ALA B 146 7.14 16.62 -16.19
N GLY B 147 7.29 17.20 -17.38
CA GLY B 147 8.36 18.17 -17.60
C GLY B 147 8.06 19.50 -16.93
N VAL B 148 6.81 19.97 -17.02
CA VAL B 148 6.42 21.22 -16.38
C VAL B 148 6.61 21.13 -14.87
N VAL B 149 6.43 19.94 -14.30
CA VAL B 149 6.63 19.75 -12.86
C VAL B 149 8.06 20.07 -12.47
N TYR B 150 9.03 19.59 -13.26
CA TYR B 150 10.43 19.89 -12.97
C TYR B 150 10.75 21.35 -13.21
N GLN B 151 10.11 21.98 -14.20
CA GLN B 151 10.28 23.41 -14.41
C GLN B 151 9.74 24.21 -13.23
N ALA B 152 8.62 23.77 -12.66
CA ALA B 152 8.10 24.40 -11.46
C ALA B 152 8.94 24.07 -10.24
N SER B 153 9.72 22.99 -10.28
CA SER B 153 10.62 22.62 -9.20
C SER B 153 12.02 23.20 -9.38
N ASN B 154 12.22 24.07 -10.38
CA ASN B 154 13.47 24.78 -10.61
C ASN B 154 14.59 23.84 -11.03
N PHE B 155 14.26 22.84 -11.84
CA PHE B 155 15.27 22.01 -12.47
C PHE B 155 15.75 22.66 -13.77
N ASP B 156 16.98 22.36 -14.14
CA ASP B 156 17.52 22.77 -15.44
C ASP B 156 17.34 21.65 -16.44
N PHE B 157 16.90 22.00 -17.65
CA PHE B 157 16.80 21.04 -18.74
C PHE B 157 18.14 20.97 -19.46
N ILE B 158 18.67 19.75 -19.60
CA ILE B 158 20.03 19.59 -20.11
C ILE B 158 20.07 18.63 -21.30
N GLY B 159 18.97 18.51 -22.02
CA GLY B 159 18.96 17.80 -23.28
C GLY B 159 18.02 16.60 -23.27
N SER B 160 17.80 16.07 -24.46
CA SER B 160 16.95 14.91 -24.69
C SER B 160 17.75 13.81 -25.39
N HIS B 161 17.16 12.61 -25.41
CA HIS B 161 17.76 11.48 -26.09
C HIS B 161 16.69 10.43 -26.33
N GLU B 162 16.81 9.74 -27.47
CA GLU B 162 15.89 8.66 -27.79
C GLU B 162 16.30 7.41 -27.03
N SER B 163 15.35 6.82 -26.31
CA SER B 163 15.61 5.68 -25.45
C SER B 163 14.72 4.51 -25.84
N THR B 164 15.26 3.30 -25.74
CA THR B 164 14.56 2.08 -26.13
C THR B 164 14.05 1.37 -24.89
N PHE B 165 12.76 1.04 -24.88
CA PHE B 165 12.13 0.34 -23.77
C PHE B 165 11.57 -0.99 -24.24
N TYR B 166 11.20 -1.83 -23.28
CA TYR B 166 10.65 -3.15 -23.55
C TYR B 166 9.49 -3.43 -22.62
N GLU B 167 8.44 -4.05 -23.16
CA GLU B 167 7.21 -4.33 -22.43
C GLU B 167 6.98 -5.84 -22.40
N LEU B 168 6.89 -6.39 -21.19
CA LEU B 168 6.62 -7.82 -21.01
C LEU B 168 5.77 -7.99 -19.76
N ASP B 169 4.57 -8.55 -19.94
CA ASP B 169 3.64 -8.80 -18.83
C ASP B 169 3.26 -7.50 -18.12
N GLY B 170 2.87 -6.50 -18.91
CA GLY B 170 2.52 -5.21 -18.39
C GLY B 170 3.62 -4.46 -17.66
N GLU B 171 4.79 -5.08 -17.46
CA GLU B 171 5.89 -4.42 -16.77
C GLU B 171 6.86 -3.87 -17.82
N TRP B 172 7.31 -2.64 -17.62
CA TRP B 172 8.18 -1.95 -18.57
C TRP B 172 9.62 -1.99 -18.09
N TYR B 173 10.54 -2.32 -19.00
CA TYR B 173 11.95 -2.43 -18.70
C TYR B 173 12.75 -1.53 -19.62
N HIS B 174 13.86 -1.01 -19.10
CA HIS B 174 14.76 -0.18 -19.88
C HIS B 174 15.67 -1.07 -20.73
N GLU B 175 16.51 -0.45 -21.56
CA GLU B 175 17.40 -1.18 -22.45
C GLU B 175 18.65 -1.70 -21.73
N ILE B 176 18.72 -1.57 -20.41
CA ILE B 176 19.88 -2.06 -19.68
C ILE B 176 19.96 -3.58 -19.68
N THR B 177 18.84 -4.26 -19.87
CA THR B 177 18.81 -5.72 -19.90
C THR B 177 19.31 -6.25 -21.24
N ALA B 198 7.39 -9.87 -25.66
CA ALA B 198 8.19 -8.65 -25.58
C ALA B 198 7.75 -7.64 -26.63
N VAL B 199 7.63 -6.38 -26.21
CA VAL B 199 7.21 -5.29 -27.09
C VAL B 199 8.26 -4.18 -27.00
N VAL B 200 8.79 -3.77 -28.14
CA VAL B 200 9.83 -2.75 -28.20
C VAL B 200 9.19 -1.38 -28.36
N HIS B 201 9.90 -0.35 -27.89
CA HIS B 201 9.42 1.02 -27.96
C HIS B 201 10.60 1.96 -28.13
N LYS B 202 10.35 3.09 -28.80
CA LYS B 202 11.36 4.12 -29.03
C LYS B 202 10.73 5.47 -28.73
N PHE B 203 11.12 6.07 -27.61
CA PHE B 203 10.55 7.34 -27.16
C PHE B 203 11.67 8.36 -26.94
N ASN B 204 11.25 9.63 -26.92
CA ASN B 204 12.16 10.70 -26.51
C ASN B 204 12.13 10.83 -24.99
N GLN B 205 13.32 10.96 -24.40
CA GLN B 205 13.48 11.13 -22.96
C GLN B 205 14.19 12.45 -22.69
N TYR B 206 13.57 13.30 -21.88
CA TYR B 206 14.12 14.60 -21.54
C TYR B 206 14.76 14.53 -20.16
N ARG B 207 15.99 15.04 -20.06
CA ARG B 207 16.78 14.96 -18.83
C ARG B 207 16.78 16.31 -18.13
N TYR B 208 16.44 16.29 -16.84
CA TYR B 208 16.44 17.48 -16.01
C TYR B 208 17.41 17.30 -14.85
N ILE B 209 17.96 18.40 -14.35
CA ILE B 209 18.96 18.35 -13.29
C ILE B 209 18.74 19.52 -12.34
N ARG B 210 19.04 19.28 -11.06
CA ARG B 210 18.94 20.28 -10.01
C ARG B 210 20.19 20.20 -9.15
N PHE B 211 21.00 21.26 -9.17
CA PHE B 211 22.25 21.29 -8.40
C PHE B 211 21.94 21.77 -6.98
N LEU B 212 22.12 20.87 -6.01
CA LEU B 212 21.90 21.23 -4.62
C LEU B 212 23.05 22.07 -4.07
N ASN B 213 24.25 21.90 -4.61
CA ASN B 213 25.40 22.73 -4.29
C ASN B 213 25.83 23.47 -5.55
N LYS B 214 25.98 24.79 -5.45
CA LYS B 214 26.32 25.62 -6.60
C LYS B 214 27.63 25.18 -7.23
N ARG B 215 28.61 24.81 -6.41
CA ARG B 215 29.93 24.43 -6.92
C ARG B 215 29.87 23.23 -7.85
N ALA B 216 28.84 22.38 -7.72
CA ALA B 216 28.72 21.21 -8.59
C ALA B 216 28.41 21.59 -10.03
N ARG B 217 27.81 22.75 -10.27
CA ARG B 217 27.48 23.15 -11.64
C ARG B 217 28.72 23.36 -12.48
N LYS B 218 29.83 23.79 -11.87
CA LYS B 218 31.06 24.00 -12.63
C LYS B 218 31.56 22.71 -13.27
N ARG B 219 31.19 21.56 -12.70
CA ARG B 219 31.68 20.28 -13.17
C ARG B 219 30.78 19.62 -14.21
N LEU B 220 29.71 20.29 -14.64
CA LEU B 220 28.83 19.72 -15.66
C LEU B 220 29.60 19.37 -16.91
N ASN B 221 29.35 18.17 -17.43
CA ASN B 221 30.08 17.63 -18.59
C ASN B 221 29.49 18.23 -19.86
N THR B 222 29.96 19.44 -20.19
CA THR B 222 29.42 20.19 -21.32
C THR B 222 29.80 19.59 -22.67
N LYS B 223 30.63 18.55 -22.71
CA LYS B 223 30.80 17.80 -23.96
C LYS B 223 29.54 17.03 -24.32
N LEU B 224 28.70 16.71 -23.34
CA LEU B 224 27.48 15.94 -23.57
C LEU B 224 26.20 16.60 -23.08
N PHE B 225 26.28 17.52 -22.11
CA PHE B 225 25.08 18.11 -21.53
C PHE B 225 25.27 19.61 -21.33
N LYS B 226 24.28 20.39 -21.74
CA LYS B 226 24.28 21.83 -21.54
C LYS B 226 22.91 22.28 -21.07
N VAL B 227 22.89 23.24 -20.15
CA VAL B 227 21.64 23.85 -19.73
C VAL B 227 20.99 24.53 -20.93
N GLN B 228 19.73 24.24 -21.17
CA GLN B 228 19.04 24.66 -22.38
C GLN B 228 17.66 25.20 -22.02
N PRO B 229 17.05 25.97 -22.91
CA PRO B 229 15.64 26.34 -22.71
C PRO B 229 14.75 25.10 -22.71
N TYR B 230 13.69 25.17 -21.91
CA TYR B 230 12.73 24.07 -21.84
C TYR B 230 12.12 23.83 -23.22
N PRO B 231 11.77 22.58 -23.54
CA PRO B 231 11.11 22.29 -24.83
C PRO B 231 9.73 22.93 -24.88
N LYS B 232 9.59 23.96 -25.71
CA LYS B 232 8.32 24.68 -25.83
C LYS B 232 8.05 25.07 -27.28
#